data_6I1D
#
_entry.id   6I1D
#
_cell.length_a   43.380
_cell.length_b   124.270
_cell.length_c   63.450
_cell.angle_alpha   90.00
_cell.angle_beta   103.21
_cell.angle_gamma   90.00
#
_symmetry.space_group_name_H-M   'P 1 21 1'
#
loop_
_entity.id
_entity.type
_entity.pdbx_description
1 polymer 'Endoribonuclease YSH1'
2 polymer 'Protein MPE1'
3 non-polymer 'ZINC ION'
4 non-polymer GLYCEROL
5 water water
#
loop_
_entity_poly.entity_id
_entity_poly.type
_entity_poly.pdbx_seq_one_letter_code
_entity_poly.pdbx_strand_id
1 'polypeptide(L)'
;MERTNTTTFKFFSLGGSNEVGRSCHILQYKGKTVMLDAGIHPAYQGLASLPFYDEFDLSKVDILLISHFHLDHAASLPYV
MQRTNFQGRVFMTHPTKAIYRWLLRDFVRVTSIGSSSSSMGTKDEGLFSDEDLVDSFDKIETVDYHSTVDVNGIKFTAFH
AGHVLGAAMFQIEIAGLRVLFTGDYSREVDRHLNSAEVPPLSSNVLIVESTFGTATHEPRLNRERKLTQLIHSTVMRGGR
VLLPVFALGRAQEIMLILDEYWSQHADELGGGQVPIFYASNLAKKCMSVFQTYVNMMNDDIRKKFRDSQTNPFIFKNISY
LRNLEDFQDFGPSVMLASPGMLQSGLSRDLLERWCPEDKNLVLITGYSIEGTMAKFIMLEPDTIPSINNPEITIPRRCQV
EEISFAAHVDFQENLEFIEKISAPNIILVHGEANPMGRLKSALLSNFASLKGTDNEVHVFNPRNCVEVDLEFQG
;
A
2 'polypeptide(L)'
;MSSTIFYRFKSQRNTSRILFDGTGLTVFDLKREIIQENKLGDGTDFQLKIYNPDTEEEYDDDAFVIPRSTSVIVKRSPAI
KSFSVHSRLKGNVGAAAKGNATRYVTGRPRVLQKRQHTATTTANVSGTTEEERIASMFATQENQWEQTQEEMSAATPVFF
;
B
#
loop_
_chem_comp.id
_chem_comp.type
_chem_comp.name
_chem_comp.formula
GOL non-polymer GLYCEROL 'C3 H8 O3'
ZN non-polymer 'ZINC ION' 'Zn 2'
#
# COMPACT_ATOMS: atom_id res chain seq x y z
N ASN A 5 31.72 -7.54 -21.42
CA ASN A 5 31.04 -8.73 -21.92
C ASN A 5 29.65 -8.86 -21.31
N THR A 6 29.53 -8.52 -20.03
CA THR A 6 28.25 -8.56 -19.32
C THR A 6 28.00 -7.23 -18.64
N THR A 7 26.73 -6.83 -18.60
CA THR A 7 26.32 -5.62 -17.90
C THR A 7 25.44 -6.00 -16.70
N THR A 8 25.39 -5.11 -15.72
CA THR A 8 24.77 -5.40 -14.43
C THR A 8 23.34 -4.89 -14.40
N PHE A 9 22.41 -5.78 -14.04
CA PHE A 9 21.06 -5.38 -13.69
C PHE A 9 20.98 -5.18 -12.17
N LYS A 10 20.46 -4.03 -11.76
CA LYS A 10 20.51 -3.61 -10.36
C LYS A 10 19.10 -3.44 -9.82
N PHE A 11 18.79 -4.12 -8.73
CA PHE A 11 17.53 -3.96 -8.02
C PHE A 11 17.80 -3.58 -6.58
N PHE A 12 16.98 -2.68 -6.04
CA PHE A 12 16.95 -2.39 -4.61
C PHE A 12 15.70 -1.59 -4.28
N SER A 13 15.10 -1.87 -3.13
CA SER A 13 13.86 -1.25 -2.71
C SER A 13 14.12 -0.10 -1.74
N LEU A 14 13.41 1.01 -1.93
CA LEU A 14 13.36 2.05 -0.92
C LEU A 14 12.31 1.76 0.15
N GLY A 15 11.41 0.81 -0.12
CA GLY A 15 10.44 0.37 0.86
C GLY A 15 9.69 -0.82 0.31
N GLY A 16 9.06 -1.55 1.23
CA GLY A 16 8.27 -2.69 0.81
C GLY A 16 9.04 -3.97 0.57
N SER A 17 10.29 -4.03 1.02
CA SER A 17 11.07 -5.26 0.99
C SER A 17 11.13 -5.86 2.39
N ASN A 18 10.84 -7.15 2.49
CA ASN A 18 10.74 -7.84 3.77
C ASN A 18 9.71 -7.19 4.68
N GLU A 19 8.72 -6.53 4.07
CA GLU A 19 7.64 -5.87 4.79
C GLU A 19 6.51 -5.63 3.78
N VAL A 20 5.33 -5.34 4.32
CA VAL A 20 4.20 -4.86 3.53
C VAL A 20 3.98 -3.42 3.90
N GLY A 21 4.07 -2.53 2.90
CA GLY A 21 3.92 -1.11 3.14
C GLY A 21 5.03 -0.29 2.50
N ARG A 22 4.73 0.99 2.24
CA ARG A 22 5.66 1.97 1.66
C ARG A 22 6.43 1.39 0.46
N SER A 23 5.67 0.77 -0.44
CA SER A 23 6.29 0.08 -1.58
C SER A 23 6.98 1.06 -2.53
N CYS A 24 8.23 0.75 -2.86
CA CYS A 24 9.00 1.54 -3.82
C CYS A 24 10.27 0.79 -4.19
N HIS A 25 10.37 0.34 -5.44
CA HIS A 25 11.49 -0.46 -5.92
C HIS A 25 12.13 0.22 -7.13
N ILE A 26 13.46 0.11 -7.23
CA ILE A 26 14.24 0.76 -8.26
C ILE A 26 14.94 -0.29 -9.12
N LEU A 27 14.88 -0.11 -10.44
CA LEU A 27 15.61 -0.94 -11.39
C LEU A 27 16.57 -0.07 -12.19
N GLN A 28 17.80 -0.54 -12.34
CA GLN A 28 18.78 0.12 -13.20
C GLN A 28 19.44 -0.90 -14.11
N TYR A 29 19.55 -0.55 -15.40
CA TYR A 29 20.13 -1.43 -16.40
C TYR A 29 20.46 -0.61 -17.63
N LYS A 30 21.74 -0.57 -18.00
CA LYS A 30 22.22 0.16 -19.18
C LYS A 30 21.82 1.63 -19.13
N GLY A 31 22.07 2.26 -17.98
CA GLY A 31 21.87 3.70 -17.84
C GLY A 31 20.44 4.15 -17.69
N LYS A 32 19.47 3.23 -17.67
CA LYS A 32 18.07 3.57 -17.47
C LYS A 32 17.64 3.24 -16.06
N THR A 33 16.75 4.06 -15.50
CA THR A 33 16.28 3.91 -14.13
C THR A 33 14.76 3.92 -14.11
N VAL A 34 14.16 2.88 -13.55
CA VAL A 34 12.72 2.73 -13.43
C VAL A 34 12.37 2.66 -11.94
N MET A 35 11.34 3.39 -11.54
CA MET A 35 10.79 3.30 -10.19
C MET A 35 9.44 2.60 -10.24
N LEU A 36 9.27 1.58 -9.39
CA LEU A 36 8.02 0.83 -9.28
C LEU A 36 7.30 1.23 -8.01
N ASP A 37 6.14 1.87 -8.15
CA ASP A 37 5.25 2.25 -7.07
C ASP A 37 5.81 3.34 -6.16
N ALA A 38 4.95 3.92 -5.32
CA ALA A 38 5.34 4.96 -4.38
C ALA A 38 4.31 5.06 -3.27
N GLY A 39 4.38 4.17 -2.28
CA GLY A 39 3.40 4.10 -1.22
C GLY A 39 3.93 4.63 0.09
N ILE A 40 3.05 4.58 1.10
CA ILE A 40 3.41 4.93 2.46
C ILE A 40 3.15 3.72 3.36
N HIS A 41 3.66 3.80 4.59
CA HIS A 41 3.45 2.76 5.59
C HIS A 41 2.28 3.17 6.47
N PRO A 42 1.16 2.46 6.45
CA PRO A 42 -0.02 2.90 7.21
C PRO A 42 0.20 2.97 8.72
N ALA A 43 1.29 2.39 9.24
CA ALA A 43 1.52 2.45 10.67
C ALA A 43 2.10 3.79 11.14
N TYR A 44 2.51 4.65 10.21
CA TYR A 44 3.16 5.91 10.56
C TYR A 44 2.46 7.06 9.86
N GLN A 45 2.87 8.27 10.20
CA GLN A 45 2.38 9.49 9.59
C GLN A 45 3.54 10.41 9.26
N GLY A 46 3.27 11.41 8.42
CA GLY A 46 4.29 12.35 8.03
C GLY A 46 5.42 11.69 7.27
N LEU A 47 6.63 12.21 7.46
CA LEU A 47 7.80 11.66 6.78
C LEU A 47 8.12 10.26 7.27
N ALA A 48 7.74 9.93 8.51
CA ALA A 48 7.99 8.60 9.04
C ALA A 48 7.29 7.51 8.24
N SER A 49 6.24 7.87 7.48
CA SER A 49 5.50 6.91 6.67
C SER A 49 6.09 6.71 5.28
N LEU A 50 7.15 7.47 4.92
CA LEU A 50 7.65 7.49 3.55
C LEU A 50 8.69 6.39 3.33
N PRO A 51 8.84 5.94 2.08
CA PRO A 51 10.01 5.13 1.73
C PRO A 51 11.30 5.90 2.00
N PHE A 52 12.42 5.17 2.00
CA PHE A 52 13.70 5.77 2.35
C PHE A 52 14.30 6.45 1.12
N TYR A 53 13.62 7.53 0.71
CA TYR A 53 14.00 8.27 -0.49
C TYR A 53 15.39 8.90 -0.38
N ASP A 54 15.85 9.20 0.84
CA ASP A 54 17.16 9.82 0.99
C ASP A 54 18.30 8.94 0.50
N GLU A 55 18.05 7.64 0.31
CA GLU A 55 19.09 6.70 -0.09
C GLU A 55 19.26 6.63 -1.61
N PHE A 56 18.48 7.38 -2.38
CA PHE A 56 18.60 7.33 -3.83
C PHE A 56 18.34 8.70 -4.43
N ASP A 57 19.10 9.02 -5.48
CA ASP A 57 18.90 10.27 -6.22
C ASP A 57 17.66 10.12 -7.10
N LEU A 58 16.54 10.68 -6.65
CA LEU A 58 15.30 10.55 -7.40
C LEU A 58 15.34 11.27 -8.74
N SER A 59 16.25 12.24 -8.91
CA SER A 59 16.37 12.93 -10.18
C SER A 59 16.88 12.04 -11.30
N LYS A 60 17.38 10.84 -10.98
CA LYS A 60 17.87 9.90 -11.97
C LYS A 60 16.79 9.00 -12.54
N VAL A 61 15.58 9.02 -11.96
CA VAL A 61 14.51 8.13 -12.37
C VAL A 61 13.93 8.61 -13.69
N ASP A 62 13.90 7.73 -14.69
CA ASP A 62 13.34 8.09 -15.99
C ASP A 62 11.82 7.96 -15.99
N ILE A 63 11.29 6.81 -15.58
CA ILE A 63 9.86 6.60 -15.53
C ILE A 63 9.49 6.04 -14.16
N LEU A 64 8.28 6.38 -13.72
CA LEU A 64 7.74 5.89 -12.46
C LEU A 64 6.37 5.30 -12.74
N LEU A 65 6.22 3.99 -12.50
CA LEU A 65 4.99 3.28 -12.78
C LEU A 65 4.27 2.97 -11.48
N ILE A 66 2.95 3.12 -11.49
CA ILE A 66 2.09 2.90 -10.32
C ILE A 66 1.16 1.74 -10.64
N SER A 67 1.31 0.64 -9.88
CA SER A 67 0.56 -0.57 -10.16
C SER A 67 -0.92 -0.41 -9.86
N HIS A 68 -1.27 0.27 -8.76
CA HIS A 68 -2.67 0.47 -8.41
C HIS A 68 -2.75 1.56 -7.34
N PHE A 69 -3.98 1.88 -6.92
CA PHE A 69 -4.25 3.08 -6.16
C PHE A 69 -4.13 2.91 -4.65
N HIS A 70 -3.81 1.70 -4.17
CA HIS A 70 -3.80 1.47 -2.73
C HIS A 70 -2.74 2.34 -2.05
N LEU A 71 -2.98 2.63 -0.76
CA LEU A 71 -2.15 3.61 -0.07
C LEU A 71 -0.71 3.15 0.09
N ASP A 72 -0.48 1.84 0.20
CA ASP A 72 0.89 1.34 0.29
C ASP A 72 1.57 1.23 -1.07
N HIS A 73 0.97 1.83 -2.11
CA HIS A 73 1.57 1.86 -3.44
C HIS A 73 1.52 3.21 -4.11
N ALA A 74 0.61 4.11 -3.73
CA ALA A 74 0.45 5.38 -4.42
C ALA A 74 0.43 6.60 -3.51
N ALA A 75 0.32 6.42 -2.18
CA ALA A 75 0.11 7.58 -1.30
C ALA A 75 1.35 8.44 -1.16
N SER A 76 2.51 7.96 -1.57
CA SER A 76 3.74 8.74 -1.58
C SER A 76 3.95 9.49 -2.89
N LEU A 77 3.10 9.27 -3.89
CA LEU A 77 3.26 9.96 -5.17
C LEU A 77 3.12 11.47 -5.07
N PRO A 78 2.11 12.03 -4.37
CA PRO A 78 2.05 13.50 -4.30
C PRO A 78 3.29 14.11 -3.68
N TYR A 79 3.88 13.44 -2.69
CA TYR A 79 5.12 13.91 -2.08
C TYR A 79 6.29 13.83 -3.06
N VAL A 80 6.35 12.75 -3.84
CA VAL A 80 7.44 12.59 -4.80
C VAL A 80 7.38 13.67 -5.86
N MET A 81 6.17 14.00 -6.33
CA MET A 81 6.01 14.93 -7.43
C MET A 81 6.04 16.39 -7.00
N GLN A 82 6.03 16.66 -5.69
CA GLN A 82 5.96 18.03 -5.20
C GLN A 82 7.14 18.44 -4.34
N ARG A 83 7.76 17.52 -3.60
CA ARG A 83 8.77 17.87 -2.62
C ARG A 83 10.16 17.32 -2.92
N THR A 84 10.32 16.52 -3.97
CA THR A 84 11.59 15.86 -4.28
C THR A 84 12.15 16.39 -5.59
N ASN A 85 13.37 15.95 -5.91
CA ASN A 85 14.01 16.25 -7.18
C ASN A 85 13.60 15.31 -8.30
N PHE A 86 12.49 14.59 -8.13
CA PHE A 86 11.98 13.76 -9.22
C PHE A 86 11.58 14.64 -10.40
N GLN A 87 11.97 14.21 -11.60
CA GLN A 87 11.60 14.93 -12.80
C GLN A 87 11.16 14.01 -13.94
N GLY A 88 11.11 12.71 -13.72
CA GLY A 88 10.71 11.79 -14.76
C GLY A 88 9.21 11.83 -15.02
N ARG A 89 8.76 10.86 -15.79
CA ARG A 89 7.36 10.74 -16.17
C ARG A 89 6.68 9.66 -15.36
N VAL A 90 5.38 9.85 -15.10
CA VAL A 90 4.59 8.98 -14.25
C VAL A 90 3.48 8.37 -15.08
N PHE A 91 3.27 7.05 -14.91
CA PHE A 91 2.27 6.32 -15.67
C PHE A 91 1.42 5.45 -14.76
N MET A 92 0.13 5.36 -15.08
CA MET A 92 -0.79 4.42 -14.44
C MET A 92 -1.93 4.16 -15.40
N THR A 93 -2.74 3.16 -15.09
CA THR A 93 -3.90 2.88 -15.93
C THR A 93 -4.96 3.97 -15.76
N HIS A 94 -5.91 3.99 -16.68
CA HIS A 94 -6.98 5.00 -16.64
C HIS A 94 -7.82 4.90 -15.38
N PRO A 95 -8.35 3.74 -14.98
CA PRO A 95 -9.12 3.70 -13.73
C PRO A 95 -8.31 4.07 -12.50
N THR A 96 -7.01 3.76 -12.51
CA THR A 96 -6.17 4.12 -11.37
C THR A 96 -6.07 5.63 -11.20
N LYS A 97 -5.81 6.35 -12.30
CA LYS A 97 -5.75 7.80 -12.23
C LYS A 97 -7.12 8.38 -11.86
N ALA A 98 -8.19 7.86 -12.45
CA ALA A 98 -9.53 8.38 -12.15
C ALA A 98 -9.87 8.19 -10.67
N ILE A 99 -9.43 7.07 -10.08
CA ILE A 99 -9.63 6.85 -8.66
C ILE A 99 -8.63 7.67 -7.84
N TYR A 100 -7.37 7.72 -8.28
CA TYR A 100 -6.34 8.46 -7.57
C TYR A 100 -6.72 9.93 -7.37
N ARG A 101 -7.52 10.48 -8.28
CA ARG A 101 -7.90 11.89 -8.19
C ARG A 101 -8.56 12.21 -6.85
N TRP A 102 -9.39 11.29 -6.34
CA TRP A 102 -10.15 11.54 -5.14
C TRP A 102 -9.46 11.02 -3.88
N LEU A 103 -8.44 10.17 -4.01
CA LEU A 103 -7.57 9.83 -2.89
C LEU A 103 -6.48 10.85 -2.67
N LEU A 104 -6.30 11.78 -3.63
CA LEU A 104 -5.17 12.70 -3.61
C LEU A 104 -5.14 13.53 -2.34
N ARG A 105 -6.26 14.14 -1.97
CA ARG A 105 -6.29 15.03 -0.81
C ARG A 105 -5.97 14.27 0.47
N ASP A 106 -6.51 13.06 0.63
CA ASP A 106 -6.23 12.29 1.84
C ASP A 106 -4.81 11.76 1.85
N PHE A 107 -4.23 11.49 0.67
CA PHE A 107 -2.85 11.04 0.63
C PHE A 107 -1.90 12.15 1.07
N VAL A 108 -2.16 13.39 0.64
CA VAL A 108 -1.30 14.50 1.01
C VAL A 108 -1.34 14.73 2.52
N ARG A 109 -2.54 14.64 3.12
CA ARG A 109 -2.69 14.92 4.54
C ARG A 109 -1.92 13.92 5.40
N VAL A 110 -1.76 12.68 4.92
CA VAL A 110 -1.06 11.67 5.71
C VAL A 110 0.44 11.94 5.71
N THR A 111 0.99 12.38 4.59
CA THR A 111 2.42 12.62 4.49
C THR A 111 2.84 14.00 4.96
N SER A 112 1.90 14.92 5.15
CA SER A 112 2.20 16.31 5.53
C SER A 112 1.84 16.59 6.98
N ILE A 113 2.08 15.63 7.87
CA ILE A 113 1.75 15.82 9.28
C ILE A 113 2.75 16.76 9.93
N GLY A 114 4.04 16.54 9.71
CA GLY A 114 5.08 17.39 10.26
C GLY A 114 5.15 18.76 9.60
N GLY A 126 1.76 22.35 3.03
CA GLY A 126 0.73 21.98 3.97
C GLY A 126 -0.38 21.15 3.36
N LEU A 127 -1.61 21.63 3.46
CA LEU A 127 -2.75 20.93 2.90
C LEU A 127 -2.84 21.15 1.39
N PHE A 128 -3.36 20.14 0.69
CA PHE A 128 -3.43 20.18 -0.76
C PHE A 128 -4.41 21.25 -1.22
N SER A 129 -3.98 22.06 -2.19
CA SER A 129 -4.80 23.12 -2.76
C SER A 129 -5.13 22.81 -4.22
N ASP A 130 -6.07 23.58 -4.76
CA ASP A 130 -6.45 23.40 -6.16
C ASP A 130 -5.36 23.88 -7.12
N GLU A 131 -4.41 24.68 -6.65
CA GLU A 131 -3.33 25.11 -7.53
C GLU A 131 -2.35 23.97 -7.81
N ASP A 132 -2.02 23.18 -6.79
CA ASP A 132 -1.15 22.03 -6.98
C ASP A 132 -1.82 20.90 -7.76
N LEU A 133 -3.10 21.04 -8.09
CA LEU A 133 -3.81 20.02 -8.86
C LEU A 133 -3.24 19.85 -10.26
N VAL A 134 -2.51 20.86 -10.76
CA VAL A 134 -1.92 20.74 -12.10
C VAL A 134 -0.68 19.86 -12.06
N ASP A 135 0.22 20.11 -11.10
CA ASP A 135 1.45 19.34 -11.03
C ASP A 135 1.25 17.99 -10.34
N SER A 136 0.30 17.90 -9.40
CA SER A 136 0.09 16.66 -8.66
C SER A 136 -0.82 15.67 -9.37
N PHE A 137 -1.45 16.06 -10.47
CA PHE A 137 -2.44 15.17 -11.08
C PHE A 137 -2.40 15.22 -12.61
N ASP A 138 -2.44 16.41 -13.18
CA ASP A 138 -2.50 16.53 -14.64
C ASP A 138 -1.27 15.98 -15.32
N LYS A 139 -0.10 16.07 -14.67
CA LYS A 139 1.14 15.55 -15.25
C LYS A 139 1.16 14.04 -15.36
N ILE A 140 0.27 13.34 -14.65
CA ILE A 140 0.25 11.88 -14.69
C ILE A 140 -0.27 11.42 -16.05
N GLU A 141 0.49 10.55 -16.71
CA GLU A 141 0.11 9.99 -17.99
C GLU A 141 -0.54 8.63 -17.80
N THR A 142 -1.45 8.29 -18.69
CA THR A 142 -2.23 7.06 -18.60
C THR A 142 -1.85 6.11 -19.73
N VAL A 143 -1.92 4.82 -19.44
CA VAL A 143 -1.65 3.77 -20.42
C VAL A 143 -2.84 2.84 -20.48
N ASP A 144 -3.12 2.34 -21.68
CA ASP A 144 -4.10 1.28 -21.84
C ASP A 144 -3.44 -0.08 -21.59
N TYR A 145 -4.26 -1.04 -21.20
CA TYR A 145 -3.77 -2.41 -21.08
C TYR A 145 -3.30 -2.90 -22.44
N HIS A 146 -2.24 -3.71 -22.45
CA HIS A 146 -1.76 -4.39 -23.65
C HIS A 146 -1.39 -3.43 -24.76
N SER A 147 -0.93 -2.23 -24.40
CA SER A 147 -0.47 -1.24 -25.37
C SER A 147 0.91 -0.74 -24.94
N THR A 148 1.94 -1.15 -25.66
CA THR A 148 3.31 -0.88 -25.24
C THR A 148 3.66 0.59 -25.42
N VAL A 149 4.27 1.19 -24.40
CA VAL A 149 4.76 2.56 -24.44
C VAL A 149 6.28 2.55 -24.46
N ASP A 150 6.87 3.41 -25.28
CA ASP A 150 8.32 3.53 -25.43
C ASP A 150 8.74 4.93 -25.01
N VAL A 151 9.60 5.00 -23.99
CA VAL A 151 10.10 6.26 -23.45
C VAL A 151 11.63 6.15 -23.40
N ASN A 152 12.31 6.77 -24.37
CA ASN A 152 13.77 6.82 -24.47
C ASN A 152 14.41 5.46 -24.23
N GLY A 153 13.91 4.45 -24.95
CA GLY A 153 14.47 3.12 -24.88
C GLY A 153 13.91 2.22 -23.80
N ILE A 154 13.01 2.72 -22.97
CA ILE A 154 12.36 1.91 -21.93
C ILE A 154 10.95 1.61 -22.42
N LYS A 155 10.69 0.35 -22.74
CA LYS A 155 9.35 -0.10 -23.11
C LYS A 155 8.68 -0.77 -21.93
N PHE A 156 7.38 -0.51 -21.78
CA PHE A 156 6.63 -1.13 -20.69
C PHE A 156 5.19 -1.33 -21.15
N THR A 157 4.55 -2.36 -20.59
CA THR A 157 3.21 -2.77 -20.97
C THR A 157 2.44 -3.15 -19.71
N ALA A 158 1.20 -2.68 -19.62
CA ALA A 158 0.32 -3.01 -18.50
C ALA A 158 -0.49 -4.26 -18.82
N PHE A 159 -0.48 -5.22 -17.90
CA PHE A 159 -1.29 -6.43 -17.99
C PHE A 159 -2.26 -6.50 -16.83
N HIS A 160 -3.35 -7.25 -17.02
CA HIS A 160 -4.32 -7.42 -15.95
C HIS A 160 -3.67 -8.06 -14.73
N ALA A 161 -4.05 -7.57 -13.55
CA ALA A 161 -3.55 -8.10 -12.29
C ALA A 161 -4.63 -8.59 -11.35
N GLY A 162 -5.89 -8.23 -11.58
CA GLY A 162 -6.93 -8.52 -10.61
C GLY A 162 -6.83 -7.55 -9.45
N HIS A 163 -6.83 -8.11 -8.23
CA HIS A 163 -6.72 -7.33 -7.01
C HIS A 163 -7.84 -6.29 -6.88
N VAL A 164 -7.66 -5.11 -7.49
CA VAL A 164 -8.69 -4.07 -7.50
C VAL A 164 -8.76 -3.48 -8.90
N LEU A 165 -9.82 -2.70 -9.14
CA LEU A 165 -10.02 -2.05 -10.43
C LEU A 165 -8.85 -1.15 -10.78
N GLY A 166 -8.35 -1.28 -12.01
CA GLY A 166 -7.22 -0.50 -12.47
C GLY A 166 -5.86 -1.07 -12.16
N ALA A 167 -5.78 -2.09 -11.30
CA ALA A 167 -4.49 -2.67 -10.95
C ALA A 167 -3.85 -3.32 -12.18
N ALA A 168 -2.54 -3.23 -12.27
CA ALA A 168 -1.81 -3.72 -13.42
C ALA A 168 -0.48 -4.33 -13.00
N MET A 169 -0.06 -5.35 -13.76
CA MET A 169 1.30 -5.83 -13.75
C MET A 169 2.05 -5.20 -14.92
N PHE A 170 3.31 -4.84 -14.70
CA PHE A 170 4.09 -4.16 -15.72
C PHE A 170 5.24 -5.05 -16.15
N GLN A 171 5.32 -5.32 -17.45
CA GLN A 171 6.48 -5.93 -18.05
C GLN A 171 7.30 -4.84 -18.72
N ILE A 172 8.55 -4.69 -18.29
CA ILE A 172 9.45 -3.65 -18.77
C ILE A 172 10.54 -4.32 -19.60
N GLU A 173 10.91 -3.67 -20.71
CA GLU A 173 11.96 -4.19 -21.58
C GLU A 173 12.99 -3.11 -21.81
N ILE A 174 14.26 -3.42 -21.51
CA ILE A 174 15.37 -2.51 -21.69
C ILE A 174 16.46 -3.29 -22.41
N ALA A 175 16.69 -2.98 -23.69
CA ALA A 175 17.73 -3.60 -24.49
C ALA A 175 17.65 -5.12 -24.41
N GLY A 176 16.47 -5.66 -24.71
CA GLY A 176 16.25 -7.08 -24.73
C GLY A 176 15.89 -7.70 -23.39
N LEU A 177 16.41 -7.16 -22.29
CA LEU A 177 16.08 -7.68 -20.96
C LEU A 177 14.64 -7.37 -20.62
N ARG A 178 13.91 -8.38 -20.15
CA ARG A 178 12.50 -8.22 -19.77
C ARG A 178 12.31 -8.52 -18.30
N VAL A 179 11.60 -7.63 -17.61
CA VAL A 179 11.33 -7.72 -16.19
C VAL A 179 9.82 -7.63 -16.00
N LEU A 180 9.26 -8.52 -15.20
CA LEU A 180 7.83 -8.49 -14.88
C LEU A 180 7.66 -8.12 -13.42
N PHE A 181 6.90 -7.05 -13.18
CA PHE A 181 6.51 -6.63 -11.84
C PHE A 181 5.02 -6.93 -11.67
N THR A 182 4.68 -7.74 -10.67
CA THR A 182 3.30 -8.12 -10.48
C THR A 182 2.48 -7.07 -9.75
N GLY A 183 3.14 -6.16 -9.02
CA GLY A 183 2.41 -5.41 -8.02
C GLY A 183 1.74 -6.39 -7.08
N ASP A 184 0.53 -6.03 -6.64
CA ASP A 184 -0.34 -6.97 -5.95
C ASP A 184 -1.30 -7.56 -6.97
N TYR A 185 -1.42 -8.89 -6.97
CA TYR A 185 -2.20 -9.56 -7.99
C TYR A 185 -2.94 -10.75 -7.40
N SER A 186 -4.00 -11.15 -8.09
CA SER A 186 -4.77 -12.33 -7.73
C SER A 186 -5.09 -13.13 -8.99
N ARG A 187 -5.26 -14.44 -8.81
CA ARG A 187 -5.58 -15.32 -9.92
C ARG A 187 -6.91 -16.03 -9.76
N GLU A 188 -7.46 -16.11 -8.54
CA GLU A 188 -8.79 -16.67 -8.36
C GLU A 188 -9.83 -15.77 -9.02
N VAL A 189 -10.78 -16.39 -9.72
CA VAL A 189 -11.78 -15.63 -10.47
C VAL A 189 -12.58 -14.77 -9.52
N ASP A 190 -12.56 -13.46 -9.76
CA ASP A 190 -13.30 -12.51 -8.95
C ASP A 190 -14.75 -12.45 -9.41
N ARG A 191 -15.56 -11.73 -8.62
CA ARG A 191 -16.94 -11.50 -9.02
C ARG A 191 -17.10 -10.32 -9.97
N HIS A 192 -16.03 -9.57 -10.24
CA HIS A 192 -16.14 -8.40 -11.10
C HIS A 192 -14.82 -8.03 -11.77
N LEU A 193 -13.74 -8.70 -11.41
CA LEU A 193 -12.41 -8.35 -11.91
C LEU A 193 -11.83 -9.46 -12.78
N ASN A 194 -11.06 -9.06 -13.79
CA ASN A 194 -10.29 -10.01 -14.57
C ASN A 194 -9.08 -10.47 -13.77
N SER A 195 -8.83 -11.77 -13.75
CA SER A 195 -7.70 -12.29 -13.01
C SER A 195 -6.39 -11.98 -13.73
N ALA A 196 -5.29 -12.10 -13.00
CA ALA A 196 -3.98 -11.85 -13.55
C ALA A 196 -3.69 -12.79 -14.72
N GLU A 197 -2.97 -12.29 -15.72
CA GLU A 197 -2.66 -13.03 -16.93
C GLU A 197 -1.16 -13.20 -17.08
N VAL A 198 -0.79 -14.19 -17.88
CA VAL A 198 0.62 -14.48 -18.17
C VAL A 198 1.00 -13.72 -19.43
N PRO A 199 2.01 -12.85 -19.39
CA PRO A 199 2.41 -12.11 -20.59
C PRO A 199 2.87 -13.05 -21.68
N PRO A 200 2.55 -12.74 -22.94
CA PRO A 200 2.94 -13.64 -24.04
C PRO A 200 4.43 -13.88 -24.17
N LEU A 201 5.25 -12.93 -23.73
CA LEU A 201 6.70 -13.02 -23.86
C LEU A 201 7.35 -13.34 -22.53
N SER A 202 8.46 -14.08 -22.59
CA SER A 202 9.16 -14.51 -21.40
C SER A 202 9.76 -13.32 -20.65
N SER A 203 10.14 -13.55 -19.40
CA SER A 203 10.75 -12.54 -18.56
C SER A 203 12.02 -13.11 -17.92
N ASN A 204 13.08 -12.29 -17.89
CA ASN A 204 14.31 -12.72 -17.27
C ASN A 204 14.28 -12.55 -15.76
N VAL A 205 13.50 -11.59 -15.27
CA VAL A 205 13.43 -11.28 -13.85
C VAL A 205 11.96 -11.15 -13.48
N LEU A 206 11.57 -11.80 -12.38
CA LEU A 206 10.21 -11.70 -11.86
C LEU A 206 10.27 -11.06 -10.47
N ILE A 207 9.56 -9.94 -10.31
CA ILE A 207 9.36 -9.30 -9.01
C ILE A 207 7.91 -9.54 -8.63
N VAL A 208 7.70 -10.34 -7.59
CA VAL A 208 6.37 -10.82 -7.24
C VAL A 208 6.14 -10.63 -5.75
N GLU A 209 4.88 -10.38 -5.39
CA GLU A 209 4.50 -10.18 -4.00
C GLU A 209 4.55 -11.50 -3.24
N SER A 210 4.57 -11.39 -1.90
CA SER A 210 4.71 -12.55 -1.02
C SER A 210 3.85 -12.37 0.22
N THR A 211 2.67 -11.76 0.05
CA THR A 211 1.88 -11.32 1.20
C THR A 211 1.51 -12.49 2.12
N PHE A 212 0.95 -13.55 1.55
CA PHE A 212 0.43 -14.65 2.35
C PHE A 212 1.45 -15.76 2.56
N GLY A 213 2.66 -15.62 2.04
CA GLY A 213 3.70 -16.61 2.28
C GLY A 213 3.32 -17.97 1.75
N THR A 214 3.45 -18.99 2.61
CA THR A 214 3.08 -20.35 2.26
C THR A 214 1.69 -20.73 2.77
N ALA A 215 0.88 -19.77 3.18
CA ALA A 215 -0.44 -20.07 3.70
C ALA A 215 -1.42 -20.35 2.57
N THR A 216 -2.54 -20.98 2.94
CA THR A 216 -3.57 -21.40 2.01
C THR A 216 -4.90 -20.76 2.41
N HIS A 217 -5.67 -20.34 1.40
CA HIS A 217 -6.98 -19.76 1.61
C HIS A 217 -8.05 -20.66 1.04
N GLU A 218 -9.28 -20.47 1.54
CA GLU A 218 -10.41 -21.27 1.08
C GLU A 218 -11.00 -20.69 -0.20
N PRO A 219 -11.66 -21.52 -1.00
CA PRO A 219 -12.25 -21.02 -2.24
C PRO A 219 -13.27 -19.92 -1.99
N ARG A 220 -13.57 -19.17 -3.06
CA ARG A 220 -14.45 -18.01 -2.96
C ARG A 220 -15.83 -18.40 -2.44
N LEU A 221 -16.38 -19.51 -2.95
CA LEU A 221 -17.72 -19.92 -2.52
C LEU A 221 -17.76 -20.27 -1.04
N ASN A 222 -16.63 -20.71 -0.48
CA ASN A 222 -16.59 -21.00 0.95
C ASN A 222 -16.44 -19.73 1.78
N ARG A 223 -15.58 -18.80 1.33
CA ARG A 223 -15.41 -17.55 2.07
C ARG A 223 -16.67 -16.69 2.04
N GLU A 224 -17.40 -16.73 0.92
CA GLU A 224 -18.63 -15.94 0.82
C GLU A 224 -19.71 -16.49 1.76
N ARG A 225 -19.91 -17.81 1.75
CA ARG A 225 -20.90 -18.41 2.63
C ARG A 225 -20.51 -18.21 4.10
N LYS A 226 -19.21 -18.36 4.41
CA LYS A 226 -18.75 -18.10 5.77
C LYS A 226 -18.95 -16.65 6.16
N LEU A 227 -18.88 -15.72 5.19
CA LEU A 227 -19.07 -14.31 5.47
C LEU A 227 -20.56 -13.98 5.65
N THR A 228 -21.41 -14.49 4.76
CA THR A 228 -22.83 -14.16 4.82
C THR A 228 -23.49 -14.76 6.05
N GLN A 229 -23.20 -16.02 6.37
CA GLN A 229 -23.82 -16.66 7.53
C GLN A 229 -23.35 -16.02 8.83
N LEU A 230 -22.09 -15.57 8.89
CA LEU A 230 -21.58 -14.91 10.09
C LEU A 230 -22.33 -13.61 10.35
N ILE A 231 -22.48 -12.77 9.31
CA ILE A 231 -23.18 -11.51 9.48
C ILE A 231 -24.66 -11.74 9.73
N HIS A 232 -25.24 -12.74 9.05
CA HIS A 232 -26.67 -13.04 9.24
C HIS A 232 -26.96 -13.43 10.68
N SER A 233 -26.07 -14.23 11.29
CA SER A 233 -26.26 -14.63 12.67
C SER A 233 -26.06 -13.46 13.63
N THR A 234 -25.16 -12.53 13.30
CA THR A 234 -24.88 -11.41 14.21
C THR A 234 -26.03 -10.42 14.24
N VAL A 235 -26.54 -10.03 13.07
CA VAL A 235 -27.58 -9.01 13.03
C VAL A 235 -28.92 -9.52 13.56
N MET A 236 -29.12 -10.85 13.56
CA MET A 236 -30.38 -11.39 14.08
C MET A 236 -30.43 -11.31 15.60
N ARG A 237 -29.27 -11.46 16.27
CA ARG A 237 -29.18 -11.39 17.72
C ARG A 237 -29.09 -9.96 18.23
N GLY A 238 -29.27 -8.96 17.36
CA GLY A 238 -29.23 -7.57 17.79
C GLY A 238 -27.89 -6.89 17.70
N GLY A 239 -26.88 -7.56 17.16
CA GLY A 239 -25.55 -6.96 17.05
C GLY A 239 -25.35 -6.27 15.71
N ARG A 240 -24.68 -5.13 15.75
CA ARG A 240 -24.32 -4.39 14.55
C ARG A 240 -22.91 -4.80 14.11
N VAL A 241 -22.70 -4.88 12.80
CA VAL A 241 -21.46 -5.36 12.22
C VAL A 241 -20.71 -4.17 11.62
N LEU A 242 -19.41 -4.09 11.90
CA LEU A 242 -18.55 -3.07 11.33
C LEU A 242 -17.50 -3.76 10.47
N LEU A 243 -17.44 -3.38 9.19
CA LEU A 243 -16.47 -3.92 8.25
C LEU A 243 -15.49 -2.82 7.84
N PRO A 244 -14.29 -2.78 8.42
CA PRO A 244 -13.29 -1.78 8.00
C PRO A 244 -12.79 -2.10 6.60
N VAL A 245 -12.90 -1.12 5.70
CA VAL A 245 -12.52 -1.29 4.31
C VAL A 245 -11.76 -0.06 3.84
N PHE A 246 -10.92 -0.25 2.84
CA PHE A 246 -10.36 0.91 2.14
C PHE A 246 -11.47 1.67 1.42
N ALA A 247 -11.17 2.93 1.09
CA ALA A 247 -12.18 3.81 0.49
C ALA A 247 -12.93 3.12 -0.66
N LEU A 248 -12.22 2.35 -1.47
CA LEU A 248 -12.85 1.62 -2.57
C LEU A 248 -11.89 0.53 -3.05
N GLY A 249 -12.42 -0.34 -3.90
CA GLY A 249 -11.65 -1.47 -4.39
C GLY A 249 -12.27 -2.79 -4.00
N ARG A 250 -11.83 -3.35 -2.86
CA ARG A 250 -12.42 -4.59 -2.37
C ARG A 250 -13.79 -4.36 -1.73
N ALA A 251 -14.07 -3.15 -1.25
CA ALA A 251 -15.36 -2.88 -0.65
C ALA A 251 -16.51 -3.13 -1.61
N GLN A 252 -16.28 -2.91 -2.91
CA GLN A 252 -17.33 -3.16 -3.89
C GLN A 252 -17.60 -4.66 -4.06
N GLU A 253 -16.58 -5.49 -3.87
CA GLU A 253 -16.79 -6.94 -3.91
C GLU A 253 -17.66 -7.39 -2.74
N ILE A 254 -17.43 -6.84 -1.55
CA ILE A 254 -18.27 -7.18 -0.41
C ILE A 254 -19.69 -6.68 -0.62
N MET A 255 -19.84 -5.50 -1.22
CA MET A 255 -21.18 -4.97 -1.48
C MET A 255 -21.93 -5.83 -2.49
N LEU A 256 -21.22 -6.41 -3.47
CA LEU A 256 -21.88 -7.31 -4.40
C LEU A 256 -22.36 -8.57 -3.71
N ILE A 257 -21.59 -9.07 -2.74
CA ILE A 257 -21.98 -10.28 -2.02
C ILE A 257 -23.19 -9.99 -1.12
N LEU A 258 -23.19 -8.83 -0.46
CA LEU A 258 -24.24 -8.53 0.50
C LEU A 258 -25.54 -8.12 -0.17
N ASP A 259 -25.44 -7.30 -1.24
CA ASP A 259 -26.64 -6.85 -1.92
C ASP A 259 -27.36 -8.01 -2.60
N GLU A 260 -26.61 -9.01 -3.08
CA GLU A 260 -27.25 -10.20 -3.63
C GLU A 260 -27.82 -11.08 -2.53
N TYR A 261 -27.09 -11.26 -1.43
CA TYR A 261 -27.56 -12.10 -0.34
C TYR A 261 -28.77 -11.47 0.34
N TRP A 262 -28.79 -10.15 0.48
CA TRP A 262 -29.89 -9.48 1.16
C TRP A 262 -31.19 -9.64 0.37
N SER A 263 -31.12 -9.68 -0.95
CA SER A 263 -32.31 -9.91 -1.76
C SER A 263 -32.69 -11.38 -1.83
N GLN A 264 -31.73 -12.28 -1.64
CA GLN A 264 -32.06 -13.69 -1.49
C GLN A 264 -32.89 -13.92 -0.24
N HIS A 265 -32.70 -13.09 0.78
CA HIS A 265 -33.48 -13.16 2.00
C HIS A 265 -34.14 -11.81 2.29
N ALA A 266 -34.85 -11.28 1.30
CA ALA A 266 -35.53 -10.00 1.47
C ALA A 266 -36.74 -10.11 2.39
N ASP A 267 -37.25 -11.31 2.63
CA ASP A 267 -38.35 -11.48 3.57
C ASP A 267 -37.88 -11.29 5.01
N GLU A 268 -36.60 -11.55 5.28
CA GLU A 268 -36.04 -11.44 6.62
C GLU A 268 -35.34 -10.12 6.88
N LEU A 269 -34.59 -9.60 5.90
CA LEU A 269 -33.79 -8.41 6.10
C LEU A 269 -33.95 -7.42 4.94
N GLY A 270 -35.11 -7.43 4.29
CA GLY A 270 -35.35 -6.50 3.21
C GLY A 270 -35.87 -5.16 3.69
N GLY A 271 -35.78 -4.17 2.80
CA GLY A 271 -36.26 -2.84 3.15
C GLY A 271 -35.37 -2.21 4.21
N GLY A 272 -36.01 -1.68 5.25
CA GLY A 272 -35.28 -1.09 6.36
C GLY A 272 -34.81 -2.06 7.42
N GLN A 273 -35.13 -3.35 7.28
CA GLN A 273 -34.72 -4.36 8.24
C GLN A 273 -33.21 -4.54 8.17
N VAL A 274 -32.51 -3.97 9.15
CA VAL A 274 -31.04 -4.00 9.23
C VAL A 274 -30.46 -3.41 7.96
N PRO A 275 -30.34 -2.09 7.86
CA PRO A 275 -29.83 -1.48 6.63
C PRO A 275 -28.32 -1.60 6.50
N ILE A 276 -27.86 -1.61 5.25
CA ILE A 276 -26.43 -1.64 4.93
C ILE A 276 -25.96 -0.22 4.66
N PHE A 277 -24.79 0.12 5.20
CA PHE A 277 -24.24 1.45 5.06
C PHE A 277 -22.84 1.37 4.49
N TYR A 278 -22.57 2.18 3.48
CA TYR A 278 -21.24 2.37 2.92
C TYR A 278 -20.79 3.76 3.37
N ALA A 279 -20.05 3.79 4.48
CA ALA A 279 -19.67 5.04 5.13
C ALA A 279 -18.29 5.46 4.65
N SER A 280 -18.23 6.55 3.89
CA SER A 280 -16.96 7.13 3.44
C SER A 280 -17.22 8.51 2.88
N ASN A 281 -16.24 9.40 3.03
CA ASN A 281 -16.33 10.68 2.35
C ASN A 281 -15.93 10.60 0.88
N LEU A 282 -15.86 9.40 0.30
CA LEU A 282 -15.71 9.25 -1.15
C LEU A 282 -16.80 8.35 -1.74
N ALA A 283 -17.88 8.13 -1.01
CA ALA A 283 -18.88 7.12 -1.40
C ALA A 283 -19.52 7.45 -2.73
N LYS A 284 -19.99 8.69 -2.92
CA LYS A 284 -20.69 9.05 -4.15
C LYS A 284 -19.76 8.98 -5.36
N LYS A 285 -18.56 9.56 -5.25
CA LYS A 285 -17.65 9.65 -6.39
C LYS A 285 -16.95 8.32 -6.66
N CYS A 286 -16.69 7.51 -5.63
CA CYS A 286 -16.08 6.21 -5.87
C CYS A 286 -16.99 5.31 -6.68
N MET A 287 -18.30 5.41 -6.47
CA MET A 287 -19.23 4.57 -7.22
C MET A 287 -19.22 4.94 -8.70
N SER A 288 -19.40 6.23 -9.01
CA SER A 288 -19.49 6.67 -10.40
C SER A 288 -18.26 6.27 -11.21
N VAL A 289 -17.10 6.12 -10.57
CA VAL A 289 -15.93 5.58 -11.27
C VAL A 289 -16.15 4.12 -11.62
N PHE A 290 -16.71 3.34 -10.69
CA PHE A 290 -16.95 1.93 -10.95
C PHE A 290 -17.98 1.74 -12.06
N GLN A 291 -19.05 2.53 -12.05
CA GLN A 291 -20.10 2.40 -13.05
C GLN A 291 -19.68 2.88 -14.43
N THR A 292 -18.53 3.52 -14.55
CA THR A 292 -18.04 4.01 -15.84
C THR A 292 -16.87 3.20 -16.37
N TYR A 293 -16.41 2.18 -15.64
CA TYR A 293 -15.32 1.32 -16.09
C TYR A 293 -15.76 -0.14 -16.12
N VAL A 294 -17.05 -0.38 -16.34
CA VAL A 294 -17.57 -1.75 -16.39
C VAL A 294 -16.96 -2.49 -17.56
N ASN A 295 -16.78 -1.81 -18.70
CA ASN A 295 -16.23 -2.43 -19.90
C ASN A 295 -14.82 -2.96 -19.70
N MET A 296 -14.14 -2.60 -18.62
CA MET A 296 -12.81 -3.09 -18.31
C MET A 296 -12.83 -4.24 -17.31
N MET A 297 -14.00 -4.83 -17.05
CA MET A 297 -14.18 -5.87 -16.06
C MET A 297 -14.44 -7.21 -16.75
N ASN A 298 -14.60 -8.26 -15.94
CA ASN A 298 -14.74 -9.60 -16.51
C ASN A 298 -16.11 -9.77 -17.16
N ASP A 299 -16.24 -10.86 -17.94
CA ASP A 299 -17.47 -11.10 -18.69
C ASP A 299 -18.65 -11.45 -17.81
N ASP A 300 -18.40 -11.95 -16.59
CA ASP A 300 -19.51 -12.28 -15.70
C ASP A 300 -20.28 -11.04 -15.27
N ILE A 301 -19.59 -9.91 -15.10
CA ILE A 301 -20.27 -8.71 -14.63
C ILE A 301 -20.89 -7.90 -15.77
N ARG A 302 -20.29 -7.90 -16.96
CA ARG A 302 -20.86 -7.18 -18.09
C ARG A 302 -22.07 -7.89 -18.67
N LYS A 303 -22.18 -9.20 -18.47
CA LYS A 303 -23.38 -9.92 -18.90
C LYS A 303 -24.60 -9.44 -18.11
N LYS A 304 -24.50 -9.47 -16.78
CA LYS A 304 -25.57 -8.94 -15.94
C LYS A 304 -25.74 -7.44 -16.09
N PHE A 305 -24.70 -6.73 -16.51
CA PHE A 305 -24.86 -5.33 -16.90
C PHE A 305 -25.63 -5.23 -18.20
N ARG A 306 -25.49 -6.22 -19.08
CA ARG A 306 -26.22 -6.26 -20.35
C ARG A 306 -27.58 -6.93 -20.20
N ASP A 307 -27.68 -7.93 -19.32
CA ASP A 307 -28.94 -8.62 -19.04
C ASP A 307 -30.02 -7.64 -18.60
N SER A 308 -29.96 -7.22 -17.33
CA SER A 308 -30.94 -6.30 -16.78
C SER A 308 -30.82 -4.88 -17.36
N GLN A 309 -29.75 -4.59 -18.08
CA GLN A 309 -29.43 -3.26 -18.62
C GLN A 309 -29.33 -2.19 -17.54
N THR A 310 -29.34 -2.59 -16.27
CA THR A 310 -29.16 -1.69 -15.15
C THR A 310 -27.82 -2.00 -14.48
N ASN A 311 -27.13 -0.95 -14.04
CA ASN A 311 -25.79 -1.11 -13.50
C ASN A 311 -25.80 -1.99 -12.25
N PRO A 312 -25.03 -3.07 -12.21
CA PRO A 312 -25.01 -3.92 -11.01
C PRO A 312 -24.43 -3.22 -9.80
N PHE A 313 -23.74 -2.09 -9.97
CA PHE A 313 -23.19 -1.33 -8.86
C PHE A 313 -24.18 -0.32 -8.30
N ILE A 314 -25.42 -0.33 -8.79
CA ILE A 314 -26.51 0.42 -8.17
C ILE A 314 -27.19 -0.55 -7.19
N PHE A 315 -26.83 -0.44 -5.92
CA PHE A 315 -27.29 -1.39 -4.92
C PHE A 315 -28.63 -0.96 -4.34
N LYS A 316 -29.56 -1.92 -4.24
CA LYS A 316 -30.88 -1.63 -3.70
C LYS A 316 -30.89 -1.67 -2.18
N ASN A 317 -30.09 -2.55 -1.58
CA ASN A 317 -30.12 -2.80 -0.14
C ASN A 317 -28.98 -2.10 0.58
N ILE A 318 -28.36 -1.10 -0.04
CA ILE A 318 -27.23 -0.38 0.52
C ILE A 318 -27.47 1.12 0.36
N SER A 319 -27.26 1.86 1.43
CA SER A 319 -27.36 3.31 1.40
C SER A 319 -26.00 3.93 1.69
N TYR A 320 -25.81 5.16 1.21
CA TYR A 320 -24.54 5.85 1.30
C TYR A 320 -24.57 6.89 2.40
N LEU A 321 -23.49 6.93 3.19
CA LEU A 321 -23.37 7.83 4.33
C LEU A 321 -21.98 8.47 4.30
N ARG A 322 -21.98 9.79 4.35
CA ARG A 322 -20.78 10.60 4.24
C ARG A 322 -20.10 11.06 5.48
N ASN A 323 -20.87 11.13 6.55
CA ASN A 323 -20.34 11.44 7.88
C ASN A 323 -21.25 10.76 8.90
N LEU A 324 -20.98 11.02 10.18
CA LEU A 324 -21.82 10.50 11.26
C LEU A 324 -22.60 11.59 11.97
N GLU A 325 -22.67 12.79 11.38
CA GLU A 325 -23.33 13.90 12.06
C GLU A 325 -24.83 13.68 12.16
N ASP A 326 -25.45 13.12 11.12
CA ASP A 326 -26.86 12.80 11.16
C ASP A 326 -27.06 11.31 10.93
N PHE A 327 -26.47 10.49 11.79
CA PHE A 327 -26.53 9.03 11.70
C PHE A 327 -27.24 8.52 12.95
N GLN A 328 -28.55 8.31 12.84
CA GLN A 328 -29.32 7.72 13.93
C GLN A 328 -29.00 6.23 14.00
N ASP A 329 -28.31 5.82 15.06
CA ASP A 329 -27.83 4.44 15.20
C ASP A 329 -28.63 3.76 16.30
N PHE A 330 -29.75 3.15 15.92
CA PHE A 330 -30.48 2.24 16.79
C PHE A 330 -30.97 1.08 15.96
N GLY A 331 -30.86 -0.13 16.52
CA GLY A 331 -31.16 -1.33 15.79
C GLY A 331 -29.93 -1.86 15.08
N PRO A 332 -29.94 -3.15 14.74
CA PRO A 332 -28.79 -3.74 14.05
C PRO A 332 -28.59 -3.11 12.67
N SER A 333 -27.32 -2.99 12.29
CA SER A 333 -26.96 -2.42 11.00
C SER A 333 -25.55 -2.89 10.65
N VAL A 334 -25.30 -3.06 9.37
CA VAL A 334 -24.00 -3.46 8.85
C VAL A 334 -23.32 -2.23 8.27
N MET A 335 -22.09 -1.97 8.70
CA MET A 335 -21.39 -0.73 8.41
C MET A 335 -20.08 -1.01 7.69
N LEU A 336 -20.01 -0.66 6.41
CA LEU A 336 -18.77 -0.72 5.64
C LEU A 336 -18.15 0.67 5.67
N ALA A 337 -17.10 0.83 6.47
CA ALA A 337 -16.53 2.15 6.74
C ALA A 337 -15.05 2.16 6.46
N SER A 338 -14.57 3.31 6.10
CA SER A 338 -13.21 3.53 5.80
C SER A 338 -12.59 4.39 6.82
N PRO A 339 -11.31 4.33 6.98
CA PRO A 339 -10.21 3.55 6.44
C PRO A 339 -10.17 2.10 6.88
N GLY A 340 -9.44 1.29 6.15
CA GLY A 340 -9.37 -0.12 6.42
C GLY A 340 -8.56 -0.58 7.57
N MET A 341 -7.52 0.11 7.88
CA MET A 341 -6.69 -0.21 9.04
C MET A 341 -7.20 0.40 10.33
N LEU A 342 -8.35 1.07 10.31
CA LEU A 342 -8.93 1.70 11.49
C LEU A 342 -7.93 2.60 12.21
N GLN A 343 -7.09 3.28 11.43
CA GLN A 343 -6.08 4.16 12.01
C GLN A 343 -6.67 5.51 12.39
N SER A 344 -7.74 5.93 11.71
CA SER A 344 -8.40 7.21 11.98
C SER A 344 -9.76 7.25 11.29
N GLY A 345 -10.26 8.45 11.01
CA GLY A 345 -11.45 8.59 10.19
C GLY A 345 -12.69 8.02 10.84
N LEU A 346 -13.63 7.57 9.99
CA LEU A 346 -14.93 7.13 10.47
C LEU A 346 -14.82 5.76 11.14
N SER A 347 -14.34 4.75 10.39
CA SER A 347 -14.34 3.37 10.88
C SER A 347 -13.76 3.27 12.30
N ARG A 348 -12.76 4.09 12.60
CA ARG A 348 -12.23 4.13 13.96
C ARG A 348 -13.24 4.72 14.94
N ASP A 349 -14.00 5.73 14.50
CA ASP A 349 -14.98 6.34 15.39
C ASP A 349 -16.09 5.37 15.75
N LEU A 350 -16.56 4.57 14.79
CA LEU A 350 -17.56 3.56 15.10
C LEU A 350 -16.97 2.35 15.80
N LEU A 351 -15.67 2.10 15.64
CA LEU A 351 -15.03 1.04 16.40
C LEU A 351 -15.06 1.36 17.90
N GLU A 352 -14.69 2.60 18.25
CA GLU A 352 -14.73 3.01 19.65
C GLU A 352 -16.17 3.12 20.17
N ARG A 353 -17.15 3.14 19.27
CA ARG A 353 -18.54 3.30 19.67
C ARG A 353 -19.26 1.97 19.83
N TRP A 354 -18.80 0.92 19.16
CA TRP A 354 -19.51 -0.36 19.14
C TRP A 354 -18.75 -1.50 19.80
N CYS A 355 -17.46 -1.34 20.07
CA CYS A 355 -16.67 -2.40 20.69
C CYS A 355 -16.95 -2.65 22.17
N PRO A 356 -17.52 -1.69 22.93
CA PRO A 356 -17.87 -2.03 24.33
C PRO A 356 -18.99 -3.05 24.45
N GLU A 357 -19.76 -3.30 23.40
CA GLU A 357 -20.85 -4.27 23.46
C GLU A 357 -20.35 -5.63 22.97
N ASP A 358 -20.69 -6.68 23.71
CA ASP A 358 -20.03 -7.97 23.50
C ASP A 358 -20.52 -8.69 22.24
N LYS A 359 -21.76 -8.46 21.82
CA LYS A 359 -22.31 -9.17 20.67
C LYS A 359 -22.22 -8.37 19.37
N ASN A 360 -21.51 -7.26 19.36
CA ASN A 360 -21.18 -6.61 18.10
C ASN A 360 -19.98 -7.32 17.47
N LEU A 361 -19.88 -7.23 16.14
CA LEU A 361 -18.85 -7.94 15.39
C LEU A 361 -18.01 -6.96 14.59
N VAL A 362 -16.69 -7.07 14.72
CA VAL A 362 -15.74 -6.34 13.90
C VAL A 362 -15.08 -7.35 12.96
N LEU A 363 -15.46 -7.30 11.68
CA LEU A 363 -15.04 -8.30 10.70
C LEU A 363 -13.99 -7.69 9.79
N ILE A 364 -12.76 -8.18 9.88
CA ILE A 364 -11.66 -7.72 9.05
C ILE A 364 -11.62 -8.56 7.78
N THR A 365 -11.70 -7.90 6.62
CA THR A 365 -11.72 -8.60 5.33
C THR A 365 -10.47 -8.38 4.51
N GLY A 366 -9.65 -7.38 4.83
CA GLY A 366 -8.42 -7.11 4.11
C GLY A 366 -7.20 -7.54 4.89
N TYR A 367 -6.04 -7.27 4.30
CA TYR A 367 -4.77 -7.59 4.96
C TYR A 367 -4.41 -6.46 5.91
N SER A 368 -4.35 -6.77 7.20
CA SER A 368 -4.00 -5.78 8.21
C SER A 368 -2.48 -5.67 8.32
N ILE A 369 -1.96 -4.49 8.02
CA ILE A 369 -0.52 -4.26 8.03
C ILE A 369 -0.03 -4.17 9.48
N GLU A 370 1.19 -4.65 9.71
CA GLU A 370 1.80 -4.63 11.04
C GLU A 370 1.82 -3.22 11.61
N GLY A 371 1.46 -3.11 12.88
CA GLY A 371 1.49 -1.85 13.59
C GLY A 371 0.22 -1.03 13.52
N THR A 372 -0.82 -1.53 12.87
CA THR A 372 -2.08 -0.80 12.74
C THR A 372 -3.11 -1.35 13.71
N MET A 373 -4.19 -0.58 13.90
CA MET A 373 -5.23 -0.98 14.84
C MET A 373 -6.00 -2.20 14.34
N ALA A 374 -6.15 -2.33 13.01
CA ALA A 374 -6.81 -3.50 12.45
C ALA A 374 -6.04 -4.78 12.79
N LYS A 375 -4.71 -4.72 12.77
CA LYS A 375 -3.92 -5.87 13.18
C LYS A 375 -3.98 -6.07 14.69
N PHE A 376 -4.01 -4.98 15.45
CA PHE A 376 -4.01 -5.07 16.91
C PHE A 376 -5.34 -5.61 17.44
N ILE A 377 -6.45 -5.27 16.77
CA ILE A 377 -7.77 -5.70 17.25
C ILE A 377 -7.97 -7.20 17.08
N MET A 378 -7.25 -7.83 16.14
CA MET A 378 -7.39 -9.26 15.93
C MET A 378 -6.72 -10.07 17.02
N LEU A 379 -5.95 -9.44 17.89
CA LEU A 379 -5.39 -10.10 19.07
C LEU A 379 -6.35 -10.07 20.24
N GLU A 380 -7.55 -9.52 20.07
CA GLU A 380 -8.60 -9.39 21.07
C GLU A 380 -8.07 -8.79 22.36
N PRO A 381 -7.65 -7.52 22.36
CA PRO A 381 -7.22 -6.88 23.61
C PRO A 381 -8.40 -6.59 24.51
N ASP A 382 -8.10 -6.41 25.79
CA ASP A 382 -9.16 -6.08 26.74
C ASP A 382 -9.68 -4.66 26.51
N THR A 383 -8.78 -3.72 26.19
CA THR A 383 -9.17 -2.35 25.92
C THR A 383 -8.39 -1.83 24.72
N ILE A 384 -8.89 -0.76 24.13
CA ILE A 384 -8.20 -0.06 23.06
C ILE A 384 -8.07 1.41 23.45
N PRO A 385 -6.99 2.10 23.05
CA PRO A 385 -6.87 3.52 23.37
C PRO A 385 -7.70 4.36 22.42
N SER A 386 -8.36 5.38 22.98
CA SER A 386 -9.17 6.28 22.18
C SER A 386 -8.29 7.10 21.24
N ILE A 387 -8.84 7.44 20.07
CA ILE A 387 -8.06 8.15 19.08
C ILE A 387 -7.88 9.62 19.47
N ASN A 388 -8.90 10.22 20.10
CA ASN A 388 -8.85 11.64 20.40
C ASN A 388 -7.85 11.97 21.51
N ASN A 389 -7.61 11.02 22.42
CA ASN A 389 -6.59 11.14 23.44
C ASN A 389 -6.19 9.71 23.78
N PRO A 390 -4.89 9.40 23.78
CA PRO A 390 -4.48 7.99 23.89
C PRO A 390 -4.58 7.41 25.29
N GLU A 391 -4.41 8.22 26.33
CA GLU A 391 -4.31 7.68 27.68
C GLU A 391 -5.67 7.41 28.33
N ILE A 392 -6.76 7.42 27.57
CA ILE A 392 -8.06 6.97 28.05
C ILE A 392 -8.48 5.76 27.22
N THR A 393 -8.68 4.63 27.88
CA THR A 393 -8.93 3.37 27.21
C THR A 393 -10.42 3.09 27.09
N ILE A 394 -10.76 2.26 26.11
CA ILE A 394 -12.15 1.87 25.84
C ILE A 394 -12.25 0.35 25.90
N PRO A 395 -13.15 -0.22 26.70
CA PRO A 395 -13.23 -1.69 26.78
C PRO A 395 -13.69 -2.30 25.46
N ARG A 396 -13.02 -3.37 25.06
CA ARG A 396 -13.31 -4.07 23.82
C ARG A 396 -13.94 -5.42 24.17
N ARG A 397 -15.26 -5.50 24.08
CA ARG A 397 -15.98 -6.74 24.30
C ARG A 397 -16.53 -7.36 23.03
N CYS A 398 -16.53 -6.62 21.93
CA CYS A 398 -17.12 -7.10 20.69
C CYS A 398 -16.37 -8.32 20.14
N GLN A 399 -17.08 -9.10 19.33
CA GLN A 399 -16.48 -10.24 18.67
C GLN A 399 -15.63 -9.79 17.49
N VAL A 400 -14.47 -10.42 17.34
CA VAL A 400 -13.52 -10.09 16.28
C VAL A 400 -13.33 -11.33 15.42
N GLU A 401 -13.49 -11.16 14.10
CA GLU A 401 -13.32 -12.25 13.15
C GLU A 401 -12.56 -11.73 11.94
N GLU A 402 -12.06 -12.67 11.13
CA GLU A 402 -11.29 -12.33 9.94
C GLU A 402 -11.63 -13.32 8.84
N ILE A 403 -12.14 -12.79 7.72
CA ILE A 403 -12.43 -13.57 6.52
C ILE A 403 -11.83 -12.81 5.36
N SER A 404 -10.81 -13.38 4.73
CA SER A 404 -10.00 -12.62 3.77
C SER A 404 -10.73 -12.42 2.45
N PHE A 405 -10.82 -11.17 2.01
CA PHE A 405 -11.19 -10.82 0.65
C PHE A 405 -10.18 -9.84 0.07
N ALA A 406 -8.93 -9.92 0.53
CA ALA A 406 -7.88 -8.98 0.17
C ALA A 406 -7.47 -9.09 -1.29
N ALA A 407 -7.85 -10.17 -1.99
CA ALA A 407 -7.53 -10.38 -3.40
C ALA A 407 -6.02 -10.44 -3.63
N HIS A 408 -5.32 -11.15 -2.75
CA HIS A 408 -3.94 -11.57 -2.97
C HIS A 408 -3.92 -13.06 -3.28
N VAL A 409 -2.93 -13.48 -4.06
CA VAL A 409 -2.75 -14.91 -4.30
C VAL A 409 -2.34 -15.60 -3.01
N ASP A 410 -2.81 -16.82 -2.80
CA ASP A 410 -2.30 -17.64 -1.72
C ASP A 410 -1.06 -18.38 -2.20
N PHE A 411 -0.59 -19.35 -1.41
CA PHE A 411 0.63 -20.07 -1.77
C PHE A 411 0.48 -20.78 -3.12
N GLN A 412 -0.56 -21.59 -3.26
CA GLN A 412 -0.70 -22.41 -4.46
C GLN A 412 -0.94 -21.55 -5.70
N GLU A 413 -1.76 -20.50 -5.58
CA GLU A 413 -1.98 -19.60 -6.70
C GLU A 413 -0.69 -18.88 -7.07
N ASN A 414 0.10 -18.49 -6.07
CA ASN A 414 1.36 -17.79 -6.33
C ASN A 414 2.37 -18.73 -7.00
N LEU A 415 2.52 -19.95 -6.45
CA LEU A 415 3.49 -20.88 -7.00
C LEU A 415 3.14 -21.28 -8.44
N GLU A 416 1.86 -21.45 -8.74
CA GLU A 416 1.45 -21.80 -10.09
C GLU A 416 1.75 -20.68 -11.07
N PHE A 417 1.49 -19.43 -10.68
CA PHE A 417 1.79 -18.30 -11.56
C PHE A 417 3.29 -18.14 -11.76
N ILE A 418 4.06 -18.26 -10.67
CA ILE A 418 5.52 -18.17 -10.78
C ILE A 418 6.06 -19.25 -11.71
N GLU A 419 5.48 -20.45 -11.65
CA GLU A 419 5.92 -21.53 -12.54
C GLU A 419 5.56 -21.25 -13.99
N LYS A 420 4.43 -20.59 -14.23
CA LYS A 420 4.04 -20.25 -15.59
C LYS A 420 4.92 -19.14 -16.17
N ILE A 421 5.40 -18.22 -15.33
CA ILE A 421 6.34 -17.21 -15.80
C ILE A 421 7.68 -17.84 -16.13
N SER A 422 8.18 -18.70 -15.22
CA SER A 422 9.39 -19.48 -15.42
C SER A 422 10.61 -18.58 -15.69
N ALA A 423 10.73 -17.52 -14.87
CA ALA A 423 11.90 -16.67 -14.95
C ALA A 423 13.07 -17.31 -14.20
N PRO A 424 14.30 -17.10 -14.67
CA PRO A 424 15.45 -17.66 -13.95
C PRO A 424 15.82 -16.90 -12.69
N ASN A 425 15.29 -15.68 -12.49
CA ASN A 425 15.57 -14.89 -11.31
C ASN A 425 14.25 -14.38 -10.73
N ILE A 426 14.00 -14.73 -9.47
CA ILE A 426 12.80 -14.30 -8.76
C ILE A 426 13.22 -13.41 -7.61
N ILE A 427 12.59 -12.24 -7.51
CA ILE A 427 12.83 -11.29 -6.43
C ILE A 427 11.52 -11.11 -5.67
N LEU A 428 11.51 -11.50 -4.40
CA LEU A 428 10.31 -11.42 -3.58
C LEU A 428 10.23 -10.06 -2.89
N VAL A 429 9.02 -9.49 -2.89
CA VAL A 429 8.73 -8.21 -2.24
C VAL A 429 7.37 -8.31 -1.58
N HIS A 430 7.02 -7.27 -0.83
CA HIS A 430 5.65 -7.09 -0.33
C HIS A 430 5.20 -8.31 0.47
N GLY A 431 5.90 -8.53 1.59
CA GLY A 431 5.58 -9.59 2.52
C GLY A 431 6.44 -9.48 3.76
N GLU A 432 5.90 -9.82 4.92
CA GLU A 432 6.70 -9.77 6.14
C GLU A 432 7.82 -10.80 6.07
N ALA A 433 8.84 -10.60 6.91
CA ALA A 433 10.06 -11.41 6.82
C ALA A 433 9.76 -12.90 6.95
N ASN A 434 8.89 -13.28 7.90
CA ASN A 434 8.64 -14.70 8.12
C ASN A 434 7.87 -15.34 6.96
N PRO A 435 6.72 -14.80 6.52
CA PRO A 435 6.08 -15.40 5.34
C PRO A 435 6.91 -15.28 4.08
N MET A 436 7.69 -14.20 3.93
CA MET A 436 8.55 -14.13 2.75
C MET A 436 9.62 -15.21 2.80
N GLY A 437 10.23 -15.42 3.97
CA GLY A 437 11.30 -16.39 4.08
C GLY A 437 10.82 -17.82 3.91
N ARG A 438 9.58 -18.10 4.31
CA ARG A 438 9.01 -19.43 4.07
C ARG A 438 8.68 -19.61 2.59
N LEU A 439 8.20 -18.55 1.93
CA LEU A 439 7.95 -18.64 0.50
C LEU A 439 9.23 -18.93 -0.27
N LYS A 440 10.32 -18.23 0.09
CA LYS A 440 11.60 -18.46 -0.57
C LYS A 440 12.03 -19.92 -0.47
N SER A 441 11.94 -20.50 0.73
CA SER A 441 12.35 -21.89 0.92
C SER A 441 11.54 -22.83 0.06
N ALA A 442 10.22 -22.61 -0.01
CA ALA A 442 9.37 -23.46 -0.83
C ALA A 442 9.71 -23.34 -2.31
N LEU A 443 10.00 -22.12 -2.77
CA LEU A 443 10.38 -21.92 -4.17
C LEU A 443 11.71 -22.61 -4.48
N LEU A 444 12.72 -22.38 -3.63
CA LEU A 444 14.01 -23.03 -3.82
C LEU A 444 13.91 -24.55 -3.77
N SER A 445 12.99 -25.07 -2.95
CA SER A 445 12.78 -26.51 -2.92
C SER A 445 12.02 -26.98 -4.14
N ASN A 446 11.00 -26.23 -4.56
CA ASN A 446 10.24 -26.60 -5.74
C ASN A 446 11.11 -26.60 -7.00
N PHE A 447 12.13 -25.77 -7.04
CA PHE A 447 13.03 -25.68 -8.19
C PHE A 447 14.37 -26.35 -7.95
N ALA A 448 14.44 -27.29 -6.98
CA ALA A 448 15.71 -27.93 -6.68
C ALA A 448 16.18 -28.86 -7.80
N SER A 449 15.26 -29.34 -8.64
CA SER A 449 15.66 -30.21 -9.75
C SER A 449 16.58 -29.48 -10.72
N LEU A 450 16.28 -28.22 -11.03
CA LEU A 450 17.07 -27.46 -11.99
C LEU A 450 18.36 -26.90 -11.40
N LYS A 451 18.56 -27.05 -10.09
CA LYS A 451 19.76 -26.52 -9.45
C LYS A 451 21.01 -27.14 -10.05
N GLY A 452 21.98 -26.30 -10.39
CA GLY A 452 23.21 -26.74 -11.01
C GLY A 452 23.16 -26.85 -12.52
N THR A 453 21.97 -26.83 -13.12
CA THR A 453 21.84 -26.92 -14.57
C THR A 453 21.75 -25.49 -15.15
N ASP A 454 21.37 -25.41 -16.43
CA ASP A 454 21.29 -24.11 -17.10
C ASP A 454 20.01 -23.36 -16.76
N ASN A 455 18.97 -24.06 -16.30
CA ASN A 455 17.70 -23.44 -15.93
C ASN A 455 17.53 -23.32 -14.42
N GLU A 456 18.64 -23.20 -13.68
CA GLU A 456 18.57 -23.07 -12.23
C GLU A 456 17.91 -21.74 -11.86
N VAL A 457 16.93 -21.80 -10.96
CA VAL A 457 16.15 -20.64 -10.56
C VAL A 457 16.75 -20.04 -9.30
N HIS A 458 17.05 -18.74 -9.34
CA HIS A 458 17.60 -18.01 -8.20
C HIS A 458 16.49 -17.17 -7.56
N VAL A 459 16.40 -17.25 -6.24
CA VAL A 459 15.36 -16.55 -5.48
C VAL A 459 16.03 -15.64 -4.47
N PHE A 460 15.60 -14.37 -4.44
CA PHE A 460 16.16 -13.36 -3.56
C PHE A 460 15.05 -12.74 -2.73
N ASN A 461 15.31 -12.56 -1.42
CA ASN A 461 14.40 -11.88 -0.50
C ASN A 461 15.13 -10.73 0.18
N PRO A 462 15.49 -9.70 -0.57
CA PRO A 462 16.34 -8.64 -0.01
C PRO A 462 15.57 -7.74 0.95
N ARG A 463 16.30 -7.21 1.93
CA ARG A 463 15.76 -6.17 2.78
C ARG A 463 15.85 -4.82 2.08
N ASN A 464 15.25 -3.80 2.69
CA ASN A 464 15.23 -2.47 2.10
C ASN A 464 16.65 -1.92 1.93
N CYS A 465 16.88 -1.26 0.80
CA CYS A 465 18.16 -0.63 0.47
C CYS A 465 19.30 -1.65 0.43
N VAL A 466 19.01 -2.87 -0.02
CA VAL A 466 20.03 -3.88 -0.26
C VAL A 466 20.03 -4.19 -1.75
N GLU A 467 21.17 -3.99 -2.39
CA GLU A 467 21.26 -4.16 -3.84
C GLU A 467 21.33 -5.63 -4.21
N VAL A 468 20.55 -6.00 -5.24
CA VAL A 468 20.64 -7.31 -5.88
C VAL A 468 21.20 -7.09 -7.28
N ASP A 469 22.39 -7.62 -7.53
CA ASP A 469 23.09 -7.41 -8.79
C ASP A 469 23.05 -8.69 -9.63
N LEU A 470 22.56 -8.58 -10.86
CA LEU A 470 22.51 -9.70 -11.79
C LEU A 470 23.25 -9.35 -13.06
N GLU A 471 24.02 -10.31 -13.58
CA GLU A 471 24.78 -10.13 -14.81
C GLU A 471 24.04 -10.79 -15.97
N PHE A 472 23.99 -10.08 -17.10
CA PHE A 472 23.30 -10.58 -18.29
C PHE A 472 24.16 -10.40 -19.54
N GLN A 473 23.59 -10.68 -20.71
CA GLN A 473 24.29 -10.53 -21.98
C GLN A 473 24.56 -9.06 -22.29
N SER B 2 18.65 32.08 18.73
CA SER B 2 19.82 32.95 18.69
C SER B 2 20.90 32.38 17.77
N SER B 3 20.91 31.05 17.65
CA SER B 3 21.80 30.35 16.75
C SER B 3 20.99 29.35 15.94
N THR B 4 21.56 28.90 14.82
CA THR B 4 20.81 28.03 13.94
C THR B 4 21.77 27.15 13.14
N ILE B 5 21.28 25.96 12.79
CA ILE B 5 21.97 25.02 11.93
C ILE B 5 21.04 24.68 10.79
N PHE B 6 21.51 24.86 9.55
CA PHE B 6 20.72 24.55 8.37
C PHE B 6 20.86 23.08 8.01
N TYR B 7 19.74 22.42 7.75
CA TYR B 7 19.75 21.03 7.36
C TYR B 7 18.73 20.79 6.26
N ARG B 8 18.99 19.77 5.45
CA ARG B 8 18.08 19.38 4.38
C ARG B 8 18.18 17.88 4.18
N PHE B 9 17.02 17.20 4.16
CA PHE B 9 17.02 15.79 3.79
C PHE B 9 17.43 15.64 2.34
N LYS B 10 18.28 14.65 2.07
CA LYS B 10 18.95 14.58 0.76
C LYS B 10 17.97 14.49 -0.39
N SER B 11 16.80 13.89 -0.17
CA SER B 11 15.81 13.75 -1.23
C SER B 11 14.85 14.94 -1.31
N GLN B 12 15.00 15.93 -0.45
CA GLN B 12 14.08 17.05 -0.38
C GLN B 12 14.69 18.30 -0.98
N ARG B 13 13.82 19.19 -1.47
CA ARG B 13 14.24 20.42 -2.14
C ARG B 13 14.48 21.57 -1.17
N ASN B 14 13.63 21.72 -0.15
CA ASN B 14 13.72 22.86 0.73
C ASN B 14 14.66 22.57 1.90
N THR B 15 15.10 23.65 2.55
CA THR B 15 16.00 23.59 3.69
C THR B 15 15.27 24.08 4.93
N SER B 16 15.53 23.44 6.06
CA SER B 16 14.93 23.80 7.34
C SER B 16 16.02 24.22 8.31
N ARG B 17 15.60 24.66 9.50
CA ARG B 17 16.49 25.19 10.52
C ARG B 17 16.26 24.48 11.85
N ILE B 18 17.32 24.39 12.64
CA ILE B 18 17.25 24.02 14.05
C ILE B 18 17.75 25.20 14.85
N LEU B 19 16.87 25.80 15.66
CA LEU B 19 17.22 26.94 16.48
C LEU B 19 17.73 26.47 17.85
N PHE B 20 18.76 27.13 18.36
CA PHE B 20 19.35 26.78 19.64
C PHE B 20 20.14 27.98 20.16
N ASP B 21 20.80 27.77 21.30
CA ASP B 21 21.57 28.82 21.98
C ASP B 21 23.02 28.37 22.13
N GLY B 22 23.94 29.30 21.86
CA GLY B 22 25.36 29.04 22.05
C GLY B 22 26.13 29.07 20.74
N THR B 23 27.40 28.67 20.85
CA THR B 23 28.29 28.69 19.69
C THR B 23 28.00 27.55 18.73
N GLY B 24 27.53 26.41 19.22
CA GLY B 24 27.28 25.27 18.36
C GLY B 24 26.49 24.20 19.07
N LEU B 25 26.18 23.14 18.32
CA LEU B 25 25.43 21.99 18.81
C LEU B 25 26.24 20.72 18.62
N THR B 26 26.06 19.78 19.54
CA THR B 26 26.63 18.44 19.34
C THR B 26 25.95 17.78 18.15
N VAL B 27 26.67 16.84 17.52
CA VAL B 27 26.02 15.99 16.52
C VAL B 27 24.87 15.24 17.15
N PHE B 28 24.99 14.89 18.43
CA PHE B 28 23.92 14.17 19.13
C PHE B 28 22.67 15.03 19.28
N ASP B 29 22.82 16.25 19.78
CA ASP B 29 21.66 17.10 19.98
C ASP B 29 21.02 17.52 18.65
N LEU B 30 21.84 17.72 17.62
CA LEU B 30 21.29 18.07 16.31
C LEU B 30 20.44 16.92 15.77
N LYS B 31 20.95 15.69 15.86
CA LYS B 31 20.15 14.54 15.45
C LYS B 31 18.89 14.42 16.27
N ARG B 32 18.98 14.66 17.58
CA ARG B 32 17.80 14.58 18.44
C ARG B 32 16.76 15.62 18.05
N GLU B 33 17.19 16.86 17.77
CA GLU B 33 16.25 17.90 17.38
C GLU B 33 15.60 17.60 16.04
N ILE B 34 16.39 17.14 15.07
CA ILE B 34 15.85 16.81 13.75
C ILE B 34 14.77 15.74 13.87
N ILE B 35 15.02 14.71 14.70
CA ILE B 35 14.04 13.64 14.87
C ILE B 35 12.75 14.19 15.48
N GLN B 36 12.87 14.98 16.55
CA GLN B 36 11.68 15.46 17.25
C GLN B 36 10.92 16.49 16.42
N GLU B 37 11.65 17.37 15.72
CA GLU B 37 10.99 18.40 14.94
C GLU B 37 10.20 17.81 13.78
N ASN B 38 10.63 16.67 13.24
CA ASN B 38 9.98 16.06 12.09
C ASN B 38 9.18 14.83 12.46
N LYS B 39 9.03 14.54 13.76
CA LYS B 39 8.20 13.44 14.26
C LYS B 39 8.57 12.11 13.60
N LEU B 40 9.88 11.80 13.60
CA LEU B 40 10.37 10.63 12.89
C LEU B 40 10.16 9.32 13.64
N GLY B 41 9.84 9.37 14.93
CA GLY B 41 9.51 8.17 15.68
C GLY B 41 10.54 7.86 16.75
N ASP B 42 10.39 6.67 17.34
CA ASP B 42 11.23 6.26 18.45
C ASP B 42 12.61 5.81 18.03
N GLY B 43 12.89 5.74 16.73
CA GLY B 43 14.22 5.37 16.26
C GLY B 43 14.41 3.90 15.96
N THR B 44 13.41 3.05 16.21
CA THR B 44 13.56 1.63 15.91
C THR B 44 13.41 1.31 14.42
N ASP B 45 12.86 2.23 13.63
CA ASP B 45 12.55 1.98 12.23
C ASP B 45 13.52 2.66 11.27
N PHE B 46 14.54 3.34 11.76
CA PHE B 46 15.40 4.10 10.85
C PHE B 46 16.75 4.37 11.51
N GLN B 47 17.69 4.78 10.67
CA GLN B 47 18.95 5.38 11.09
C GLN B 47 18.99 6.80 10.58
N LEU B 48 19.66 7.68 11.32
CA LEU B 48 19.81 9.08 10.94
C LEU B 48 21.30 9.41 10.92
N LYS B 49 21.78 9.86 9.76
CA LYS B 49 23.19 10.20 9.59
C LYS B 49 23.30 11.61 9.04
N ILE B 50 24.33 12.33 9.47
CA ILE B 50 24.56 13.72 9.12
C ILE B 50 25.81 13.80 8.25
N TYR B 51 25.76 14.62 7.20
CA TYR B 51 26.84 14.71 6.23
C TYR B 51 27.17 16.16 5.93
N ASN B 52 28.40 16.37 5.44
CA ASN B 52 28.87 17.66 4.99
C ASN B 52 28.48 17.88 3.53
N PRO B 53 27.82 18.99 3.19
CA PRO B 53 27.31 19.14 1.81
C PRO B 53 28.40 19.23 0.77
N ASP B 54 29.60 19.71 1.12
CA ASP B 54 30.67 19.90 0.15
C ASP B 54 31.56 18.67 0.05
N THR B 55 32.17 18.25 1.17
CA THR B 55 33.07 17.12 1.17
C THR B 55 32.35 15.78 1.16
N GLU B 56 31.04 15.76 1.41
CA GLU B 56 30.24 14.54 1.44
C GLU B 56 30.72 13.55 2.50
N GLU B 57 31.46 14.01 3.50
CA GLU B 57 31.88 13.16 4.60
C GLU B 57 30.88 13.22 5.74
N GLU B 58 30.75 12.11 6.44
CA GLU B 58 29.74 11.96 7.48
C GLU B 58 30.27 12.48 8.82
N TYR B 59 29.40 13.12 9.59
CA TYR B 59 29.65 13.43 10.99
C TYR B 59 29.37 12.17 11.80
N ASP B 60 30.37 11.30 11.89
CA ASP B 60 30.23 9.99 12.51
C ASP B 60 30.51 9.98 14.01
N ASP B 61 30.80 11.14 14.60
CA ASP B 61 31.08 11.24 16.04
C ASP B 61 30.00 12.13 16.66
N ASP B 62 29.19 11.53 17.53
CA ASP B 62 28.08 12.26 18.15
C ASP B 62 28.55 13.34 19.13
N ALA B 63 29.83 13.33 19.52
CA ALA B 63 30.35 14.31 20.46
C ALA B 63 30.93 15.54 19.78
N PHE B 64 31.01 15.55 18.45
CA PHE B 64 31.55 16.70 17.74
C PHE B 64 30.57 17.86 17.78
N VAL B 65 31.09 19.05 18.06
CA VAL B 65 30.28 20.26 18.15
C VAL B 65 30.30 20.96 16.80
N ILE B 66 29.15 21.03 16.14
CA ILE B 66 29.02 21.67 14.84
C ILE B 66 28.78 23.16 15.07
N PRO B 67 29.64 24.05 14.57
CA PRO B 67 29.48 25.48 14.84
C PRO B 67 28.20 26.04 14.23
N ARG B 68 27.76 27.16 14.81
CA ARG B 68 26.56 27.83 14.35
C ARG B 68 26.69 28.23 12.89
N SER B 69 25.53 28.35 12.23
CA SER B 69 25.37 28.76 10.83
C SER B 69 25.84 27.72 9.84
N THR B 70 26.26 26.54 10.30
CA THR B 70 26.67 25.47 9.40
C THR B 70 25.46 24.86 8.69
N SER B 71 25.71 24.31 7.51
CA SER B 71 24.72 23.53 6.76
C SER B 71 25.15 22.08 6.68
N VAL B 72 24.19 21.16 6.75
CA VAL B 72 24.47 19.74 6.66
C VAL B 72 23.38 19.05 5.85
N ILE B 73 23.73 17.90 5.28
CA ILE B 73 22.80 17.03 4.59
C ILE B 73 22.40 15.91 5.52
N VAL B 74 21.11 15.58 5.55
CA VAL B 74 20.57 14.55 6.42
C VAL B 74 20.03 13.41 5.56
N LYS B 75 20.31 12.18 5.99
CA LYS B 75 19.85 10.97 5.31
C LYS B 75 19.17 10.05 6.33
N ARG B 76 17.90 9.73 6.07
CA ARG B 76 17.16 8.76 6.87
C ARG B 76 17.17 7.42 6.14
N SER B 77 17.79 6.41 6.75
CA SER B 77 17.99 5.10 6.14
C SER B 77 17.31 4.03 6.98
N PRO B 78 17.11 2.83 6.43
CA PRO B 78 16.50 1.75 7.22
C PRO B 78 17.37 1.36 8.41
N ALA B 79 16.71 0.88 9.46
CA ALA B 79 17.43 0.30 10.58
C ALA B 79 18.05 -1.02 10.18
N ILE B 80 19.29 -1.26 10.61
CA ILE B 80 19.99 -2.49 10.32
C ILE B 80 19.59 -3.57 11.33
N LYS B 98 24.31 0.01 17.57
CA LYS B 98 22.94 -0.45 17.77
C LYS B 98 22.21 -0.57 16.44
N GLY B 99 22.68 0.18 15.44
CA GLY B 99 22.12 0.09 14.11
C GLY B 99 20.78 0.77 13.92
N ASN B 100 20.42 1.69 14.81
CA ASN B 100 19.17 2.43 14.67
C ASN B 100 19.40 3.82 15.26
N ALA B 101 18.30 4.53 15.54
CA ALA B 101 18.36 5.90 16.04
C ALA B 101 17.75 6.03 17.43
N THR B 102 17.55 4.91 18.13
CA THR B 102 16.87 4.96 19.42
C THR B 102 17.65 5.78 20.44
N ARG B 103 18.98 5.80 20.35
CA ARG B 103 19.77 6.53 21.33
C ARG B 103 19.53 8.04 21.26
N TYR B 104 19.08 8.54 20.12
CA TYR B 104 18.73 9.95 19.99
C TYR B 104 17.31 10.25 20.47
N VAL B 105 16.60 9.25 21.00
CA VAL B 105 15.25 9.44 21.53
C VAL B 105 15.17 9.14 23.02
N THR B 106 15.89 8.13 23.49
CA THR B 106 15.94 7.84 24.92
C THR B 106 16.99 8.70 25.61
ZN ZN C . 0.11 -3.82 -1.37
ZN ZN D . -2.98 -3.67 -2.78
C1 GOL E . 11.72 11.23 2.41
O1 GOL E . 11.98 12.03 1.30
C2 GOL E . 12.27 11.98 3.64
O2 GOL E . 13.22 12.93 3.29
C3 GOL E . 12.87 10.87 4.51
O3 GOL E . 13.89 11.43 5.25
#